data_8G69
#
_entry.id   8G69
#
_cell.length_a   88.070
_cell.length_b   88.070
_cell.length_c   162.360
_cell.angle_alpha   90.00
_cell.angle_beta   90.00
_cell.angle_gamma   90.00
#
_symmetry.space_group_name_H-M   'P 43 21 2'
#
loop_
_entity.id
_entity.type
_entity.pdbx_description
1 polymer 'Tyrosine-protein phosphatase non-receptor type 1'
2 non-polymer 4-(5-ethyl-3-methyl-1H-pyrazol-1-yl)aniline
3 non-polymer 'MAGNESIUM ION'
4 non-polymer (4S)-2-METHYL-2,4-PENTANEDIOL
5 water water
#
_entity_poly.entity_id   1
_entity_poly.type   'polypeptide(L)'
_entity_poly.pdbx_seq_one_letter_code
;MEMEKEFEQIDKSGSWAAIYQDIRHEASDFPCRVAKLPKNKNRNRYRDVSPFDHSRIKLHQEDNDYINASLIKMEEAQRS
YILTQGPLPNTCGHFWEMVWEQKSRGVVMLNRVMEKGSLKCAQYWPQKEEKEMIFEDTNLKLTLISEDIKSYYTVRQLEL
ENLTTQETREILHFHYTTWPDFGVPESPASFLNFLFKVRESGSLSPEHGPVVVHCSAGIGRSGTFCLADTCLLLMDKRKD
PSSVDIKKVLLEMRKFRMGLIQTADQLRFSYLAVIEGAKFIMGDSSVQDQWKELSHED
;
_entity_poly.pdbx_strand_id   A,B
#
loop_
_chem_comp.id
_chem_comp.type
_chem_comp.name
_chem_comp.formula
MG non-polymer 'MAGNESIUM ION' 'Mg 2'
MPD non-polymer (4S)-2-METHYL-2,4-PENTANEDIOL 'C6 H14 O2'
YXN non-polymer 4-(5-ethyl-3-methyl-1H-pyrazol-1-yl)aniline 'C12 H15 N3'
#
# COMPACT_ATOMS: atom_id res chain seq x y z
N MET A 1 12.48 -12.16 -12.90
CA MET A 1 11.22 -12.73 -12.31
C MET A 1 10.78 -11.93 -11.07
N GLU A 2 9.56 -11.44 -11.11
CA GLU A 2 9.06 -10.67 -10.00
C GLU A 2 8.99 -11.55 -8.74
N MET A 3 9.13 -10.86 -7.63
CA MET A 3 9.13 -11.53 -6.36
C MET A 3 7.78 -12.17 -6.15
N GLU A 4 6.76 -11.52 -6.66
CA GLU A 4 5.42 -11.93 -6.56
C GLU A 4 5.19 -13.25 -7.31
N LYS A 5 5.86 -13.43 -8.42
CA LYS A 5 5.72 -14.67 -9.17
C LYS A 5 6.49 -15.79 -8.50
N GLU A 6 7.65 -15.48 -7.94
CA GLU A 6 8.36 -16.42 -7.15
C GLU A 6 7.46 -16.88 -5.97
N PHE A 7 6.82 -15.92 -5.28
CA PHE A 7 5.98 -16.26 -4.14
C PHE A 7 4.85 -17.19 -4.50
N GLU A 8 4.23 -16.93 -5.66
CA GLU A 8 3.14 -17.75 -6.11
C GLU A 8 3.62 -19.18 -6.36
N GLN A 9 4.81 -19.35 -6.98
CA GLN A 9 5.34 -20.65 -7.16
C GLN A 9 5.69 -21.40 -5.88
N ILE A 10 6.29 -20.68 -4.93
CA ILE A 10 6.65 -21.30 -3.67
C ILE A 10 5.41 -21.74 -2.88
N ASP A 11 4.41 -20.91 -2.90
CA ASP A 11 3.15 -21.23 -2.26
C ASP A 11 2.49 -22.45 -2.95
N LYS A 12 2.49 -22.47 -4.26
CA LYS A 12 1.88 -23.58 -4.99
C LYS A 12 2.53 -24.84 -4.73
N SER A 13 3.89 -24.87 -4.67
CA SER A 13 4.63 -26.07 -4.44
C SER A 13 4.67 -26.45 -2.95
N GLY A 14 4.25 -25.57 -2.04
CA GLY A 14 4.45 -25.81 -0.62
C GLY A 14 5.89 -25.89 -0.21
N SER A 15 6.79 -25.10 -0.80
CA SER A 15 8.20 -25.31 -0.58
C SER A 15 8.87 -24.30 0.39
N TRP A 16 8.07 -23.63 1.23
CA TRP A 16 8.62 -22.66 2.20
C TRP A 16 9.63 -23.28 3.16
N ALA A 17 9.27 -24.52 3.63
CA ALA A 17 10.17 -25.17 4.58
C ALA A 17 11.44 -25.53 3.90
N ALA A 18 11.37 -26.07 2.66
CA ALA A 18 12.57 -26.46 1.90
C ALA A 18 13.47 -25.30 1.65
N ILE A 19 12.91 -24.16 1.24
CA ILE A 19 13.71 -22.97 0.97
CA ILE A 19 13.74 -22.99 0.98
C ILE A 19 14.35 -22.46 2.26
N TYR A 20 13.59 -22.46 3.35
CA TYR A 20 14.09 -22.03 4.67
C TYR A 20 15.25 -22.90 5.15
N GLN A 21 15.06 -24.22 5.01
CA GLN A 21 16.16 -25.13 5.39
C GLN A 21 17.41 -24.96 4.58
N ASP A 22 17.30 -24.70 3.26
CA ASP A 22 18.45 -24.28 2.41
C ASP A 22 19.16 -23.02 2.87
N ILE A 23 18.42 -22.00 3.31
CA ILE A 23 19.04 -20.84 3.90
C ILE A 23 19.78 -21.23 5.14
N ARG A 24 19.20 -22.03 6.01
CA ARG A 24 19.89 -22.42 7.22
C ARG A 24 21.22 -23.13 6.92
N HIS A 25 21.19 -24.04 5.94
CA HIS A 25 22.47 -24.73 5.53
C HIS A 25 23.57 -23.83 4.95
N GLU A 26 23.19 -22.76 4.28
CA GLU A 26 24.09 -21.83 3.65
C GLU A 26 24.58 -20.70 4.57
N ALA A 27 23.94 -20.51 5.72
CA ALA A 27 24.27 -19.41 6.56
C ALA A 27 25.66 -19.48 7.17
N SER A 28 26.21 -18.31 7.40
CA SER A 28 27.52 -18.16 8.04
C SER A 28 27.57 -18.72 9.39
N ASP A 29 28.76 -19.14 9.76
CA ASP A 29 28.99 -19.54 11.18
C ASP A 29 30.29 -18.90 11.54
N PHE A 30 30.28 -18.08 12.57
CA PHE A 30 31.43 -17.39 13.06
C PHE A 30 31.51 -17.60 14.57
N PRO A 31 32.68 -17.43 15.15
CA PRO A 31 32.73 -17.68 16.63
C PRO A 31 31.97 -16.65 17.45
N CYS A 32 31.56 -17.14 18.59
CA CYS A 32 30.99 -16.29 19.65
C CYS A 32 31.65 -16.64 20.98
N ARG A 33 32.92 -16.46 21.07
CA ARG A 33 33.66 -16.85 22.27
C ARG A 33 33.32 -15.97 23.48
N VAL A 34 33.13 -14.68 23.26
CA VAL A 34 32.84 -13.81 24.40
C VAL A 34 31.54 -14.15 25.00
N ALA A 35 30.50 -14.34 24.15
CA ALA A 35 29.19 -14.71 24.64
C ALA A 35 29.16 -15.94 25.52
N LYS A 36 30.10 -16.88 25.27
CA LYS A 36 30.18 -18.12 25.90
C LYS A 36 31.07 -18.13 27.12
N LEU A 37 31.67 -17.03 27.46
CA LEU A 37 32.47 -17.01 28.74
C LEU A 37 31.60 -17.27 29.90
N PRO A 38 32.07 -18.06 30.87
CA PRO A 38 31.19 -18.25 32.06
C PRO A 38 30.59 -17.02 32.73
N LYS A 39 31.35 -15.95 32.83
CA LYS A 39 30.85 -14.74 33.47
C LYS A 39 29.70 -14.10 32.71
N ASN A 40 29.49 -14.50 31.45
CA ASN A 40 28.37 -13.94 30.69
C ASN A 40 27.14 -14.77 30.64
N LYS A 41 27.09 -15.91 31.32
CA LYS A 41 25.94 -16.79 31.29
C LYS A 41 24.63 -16.07 31.62
N ASN A 42 24.64 -15.21 32.64
CA ASN A 42 23.44 -14.56 33.05
C ASN A 42 23.12 -13.30 32.22
N ARG A 43 23.87 -13.08 31.15
CA ARG A 43 23.59 -11.99 30.22
C ARG A 43 22.99 -12.49 28.93
N ASN A 44 22.79 -13.77 28.81
CA ASN A 44 22.12 -14.36 27.67
C ASN A 44 20.82 -15.02 28.01
N ARG A 45 19.77 -14.67 27.26
CA ARG A 45 18.48 -15.25 27.47
C ARG A 45 18.43 -16.73 27.10
N TYR A 46 19.11 -17.05 25.99
CA TYR A 46 19.19 -18.41 25.43
C TYR A 46 20.58 -18.82 25.12
N ARG A 47 20.96 -20.02 25.53
CA ARG A 47 22.31 -20.48 25.30
C ARG A 47 22.70 -20.66 23.82
N ASP A 48 21.71 -20.90 22.97
CA ASP A 48 21.99 -21.12 21.55
C ASP A 48 21.76 -19.84 20.70
N VAL A 49 21.53 -18.67 21.32
CA VAL A 49 21.42 -17.39 20.52
C VAL A 49 22.43 -16.44 21.05
N SER A 50 23.51 -16.25 20.34
CA SER A 50 24.65 -15.49 20.72
C SER A 50 25.09 -14.54 19.65
N PRO A 51 25.63 -13.39 19.97
CA PRO A 51 26.22 -12.53 18.96
C PRO A 51 27.59 -13.05 18.55
N PHE A 52 27.89 -12.97 17.26
CA PHE A 52 29.25 -13.22 16.78
C PHE A 52 30.19 -12.24 17.38
N ASP A 53 31.43 -12.67 17.72
CA ASP A 53 32.42 -11.74 18.17
C ASP A 53 32.68 -10.57 17.23
N HIS A 54 32.69 -10.80 15.89
CA HIS A 54 33.10 -9.77 14.97
C HIS A 54 32.15 -8.58 14.90
N SER A 55 30.89 -8.87 15.18
CA SER A 55 29.85 -7.83 15.01
C SER A 55 29.17 -7.48 16.34
N ARG A 56 29.58 -8.08 17.46
CA ARG A 56 28.92 -7.73 18.74
C ARG A 56 29.10 -6.27 19.05
N ILE A 57 28.10 -5.74 19.78
CA ILE A 57 28.24 -4.41 20.29
C ILE A 57 28.98 -4.50 21.60
N LYS A 58 29.99 -3.66 21.73
CA LYS A 58 30.73 -3.59 23.03
C LYS A 58 30.18 -2.45 23.90
N LEU A 59 29.89 -2.71 25.14
CA LEU A 59 29.60 -1.64 26.08
C LEU A 59 30.91 -0.89 26.39
N HIS A 60 30.85 0.39 26.64
CA HIS A 60 32.09 1.17 26.93
C HIS A 60 32.30 1.25 28.42
N GLN A 61 32.35 0.13 29.06
CA GLN A 61 32.67 0.13 30.48
C GLN A 61 33.81 -0.81 30.63
N GLU A 62 34.55 -0.66 31.72
CA GLU A 62 35.76 -1.45 31.94
C GLU A 62 35.41 -2.80 32.62
N ASP A 63 34.36 -2.76 33.44
CA ASP A 63 33.86 -3.92 34.20
C ASP A 63 33.63 -5.20 33.32
N ASN A 64 32.71 -5.09 32.40
CA ASN A 64 32.34 -6.25 31.51
C ASN A 64 31.63 -5.59 30.34
N ASP A 65 32.26 -5.66 29.18
CA ASP A 65 31.71 -5.03 27.99
C ASP A 65 30.63 -5.84 27.24
N TYR A 66 30.15 -6.93 27.77
CA TYR A 66 29.32 -7.83 27.01
C TYR A 66 27.82 -7.50 27.07
N ILE A 67 27.16 -7.45 25.90
CA ILE A 67 25.71 -7.45 25.81
C ILE A 67 25.34 -8.34 24.59
N ASN A 68 24.23 -9.04 24.71
CA ASN A 68 23.73 -9.85 23.57
C ASN A 68 23.11 -8.97 22.52
N ALA A 69 23.93 -8.40 21.68
CA ALA A 69 23.50 -7.44 20.64
C ALA A 69 24.54 -7.42 19.49
N SER A 70 24.04 -7.22 18.26
CA SER A 70 24.84 -7.31 17.09
C SER A 70 24.64 -6.10 16.19
N LEU A 71 25.70 -5.58 15.61
CA LEU A 71 25.57 -4.57 14.54
C LEU A 71 25.40 -5.14 13.16
N ILE A 72 24.27 -4.90 12.53
CA ILE A 72 23.99 -5.38 11.19
CA ILE A 72 23.99 -5.37 11.19
C ILE A 72 24.24 -4.18 10.28
N LYS A 73 25.30 -4.26 9.47
CA LYS A 73 25.72 -3.16 8.59
C LYS A 73 25.43 -3.52 7.17
N MET A 74 24.44 -2.86 6.57
CA MET A 74 24.04 -3.20 5.21
C MET A 74 24.66 -2.11 4.29
N GLU A 75 25.83 -2.44 3.74
CA GLU A 75 26.62 -1.44 2.99
C GLU A 75 25.94 -0.94 1.73
N GLU A 76 25.39 -1.81 0.94
CA GLU A 76 24.71 -1.32 -0.26
C GLU A 76 23.46 -0.53 0.04
N ALA A 77 22.68 -0.96 1.05
CA ALA A 77 21.47 -0.20 1.41
C ALA A 77 21.76 1.09 2.20
N GLN A 78 22.97 1.24 2.70
CA GLN A 78 23.43 2.37 3.51
C GLN A 78 22.57 2.55 4.78
N ARG A 79 22.28 1.41 5.42
CA ARG A 79 21.61 1.46 6.70
C ARG A 79 22.26 0.45 7.63
N SER A 80 22.16 0.72 8.93
CA SER A 80 22.62 -0.20 9.96
C SER A 80 21.54 -0.37 11.00
N TYR A 81 21.57 -1.50 11.68
CA TYR A 81 20.58 -1.77 12.74
C TYR A 81 21.38 -2.51 13.83
N ILE A 82 20.95 -2.32 15.08
CA ILE A 82 21.41 -3.20 16.15
C ILE A 82 20.32 -4.12 16.54
N LEU A 83 20.54 -5.41 16.39
CA LEU A 83 19.62 -6.44 16.81
C LEU A 83 20.08 -7.02 18.12
N THR A 84 19.16 -7.09 19.04
CA THR A 84 19.44 -7.49 20.43
C THR A 84 18.29 -8.31 20.99
N GLN A 85 18.59 -9.12 21.98
CA GLN A 85 17.56 -9.83 22.73
C GLN A 85 16.73 -8.82 23.58
N GLY A 86 15.53 -9.24 23.91
CA GLY A 86 14.77 -8.51 24.93
C GLY A 86 15.56 -8.48 26.23
N PRO A 87 15.69 -7.30 26.87
CA PRO A 87 16.51 -7.23 28.09
C PRO A 87 16.01 -8.17 29.18
N LEU A 88 16.96 -8.68 29.95
CA LEU A 88 16.71 -9.49 31.12
C LEU A 88 16.61 -8.57 32.28
N PRO A 89 16.05 -9.07 33.38
CA PRO A 89 16.00 -8.17 34.55
C PRO A 89 17.32 -7.62 35.01
N ASN A 90 18.45 -8.32 34.76
CA ASN A 90 19.73 -7.80 35.09
C ASN A 90 20.49 -7.12 33.97
N THR A 91 19.85 -7.01 32.79
CA THR A 91 20.56 -6.34 31.71
C THR A 91 19.86 -5.09 31.17
N CYS A 92 18.85 -4.62 31.91
CA CYS A 92 18.16 -3.36 31.44
C CYS A 92 19.09 -2.17 31.47
N GLY A 93 19.98 -2.04 32.51
CA GLY A 93 20.94 -1.02 32.46
C GLY A 93 21.89 -1.05 31.31
N HIS A 94 22.35 -2.28 31.02
CA HIS A 94 23.25 -2.51 29.90
C HIS A 94 22.56 -2.07 28.57
N PHE A 95 21.32 -2.47 28.41
CA PHE A 95 20.51 -2.08 27.22
C PHE A 95 20.46 -0.59 27.02
N TRP A 96 20.12 0.17 28.07
CA TRP A 96 20.11 1.64 27.90
C TRP A 96 21.46 2.26 27.79
N GLU A 97 22.51 1.66 28.41
CA GLU A 97 23.87 2.08 28.15
C GLU A 97 24.26 1.99 26.67
N MET A 98 23.86 0.87 26.08
CA MET A 98 24.06 0.66 24.66
C MET A 98 23.39 1.74 23.87
N VAL A 99 22.10 1.96 24.12
CA VAL A 99 21.35 3.03 23.42
C VAL A 99 22.04 4.37 23.50
N TRP A 100 22.51 4.71 24.70
CA TRP A 100 23.24 5.96 24.95
C TRP A 100 24.52 5.99 24.10
N GLU A 101 25.35 4.96 24.28
CA GLU A 101 26.67 4.97 23.67
C GLU A 101 26.65 4.92 22.16
N GLN A 102 25.65 4.25 21.59
CA GLN A 102 25.55 4.08 20.16
C GLN A 102 24.82 5.22 19.51
N LYS A 103 24.29 6.15 20.31
CA LYS A 103 23.57 7.31 19.80
C LYS A 103 22.29 7.05 19.03
N SER A 104 21.62 5.96 19.41
CA SER A 104 20.44 5.56 18.79
C SER A 104 19.32 6.59 19.14
N ARG A 105 18.46 6.82 18.18
CA ARG A 105 17.28 7.63 18.37
C ARG A 105 16.08 6.80 18.63
N GLY A 106 15.96 5.61 18.06
CA GLY A 106 14.81 4.82 18.13
C GLY A 106 15.10 3.39 18.68
N VAL A 107 14.12 2.83 19.39
CA VAL A 107 14.10 1.45 19.80
C VAL A 107 12.87 0.85 19.25
N VAL A 108 12.98 -0.27 18.59
CA VAL A 108 11.89 -0.99 18.02
C VAL A 108 11.66 -2.31 18.72
N MET A 109 10.51 -2.52 19.29
CA MET A 109 10.16 -3.70 20.07
C MET A 109 9.06 -4.47 19.40
N LEU A 110 9.24 -5.75 19.15
CA LEU A 110 8.28 -6.51 18.39
C LEU A 110 7.55 -7.64 19.21
N ASN A 111 7.68 -7.61 20.51
CA ASN A 111 7.07 -8.61 21.41
C ASN A 111 6.33 -7.89 22.53
N ARG A 112 5.58 -8.68 23.29
CA ARG A 112 4.96 -8.16 24.55
C ARG A 112 5.79 -8.71 25.67
N VAL A 113 5.83 -7.99 26.79
CA VAL A 113 6.65 -8.45 27.90
C VAL A 113 6.26 -9.87 28.36
N MET A 114 4.95 -10.10 28.36
CA MET A 114 4.38 -11.42 28.65
CA MET A 114 4.23 -11.32 28.70
C MET A 114 3.62 -11.97 27.46
N GLU A 115 4.00 -13.19 27.07
CA GLU A 115 3.33 -13.94 25.98
C GLU A 115 3.18 -15.44 26.38
N LYS A 116 2.00 -16.02 26.12
CA LYS A 116 1.77 -17.48 26.37
C LYS A 116 2.11 -17.80 27.87
N GLY A 117 1.71 -16.88 28.75
CA GLY A 117 2.02 -16.92 30.19
C GLY A 117 3.46 -16.89 30.63
N SER A 118 4.38 -16.44 29.77
CA SER A 118 5.81 -16.49 30.05
CA SER A 118 5.81 -16.48 30.07
C SER A 118 6.40 -15.10 29.85
N LEU A 119 7.49 -14.81 30.56
CA LEU A 119 8.14 -13.49 30.49
C LEU A 119 9.11 -13.57 29.31
N LYS A 120 8.86 -12.73 28.32
CA LYS A 120 9.64 -12.69 27.15
C LYS A 120 10.69 -11.63 27.17
N CYS A 121 10.48 -10.58 27.96
CA CYS A 121 11.49 -9.68 28.30
C CYS A 121 11.09 -8.87 29.51
N ALA A 122 12.08 -8.18 30.06
CA ALA A 122 11.82 -7.42 31.26
C ALA A 122 11.03 -6.16 30.90
N GLN A 123 10.39 -5.59 31.92
CA GLN A 123 9.75 -4.30 31.74
C GLN A 123 10.76 -3.25 31.88
N TYR A 124 11.45 -2.94 30.76
CA TYR A 124 12.65 -2.17 30.81
C TYR A 124 12.44 -0.64 30.61
N TRP A 125 11.16 -0.24 30.44
CA TRP A 125 10.81 1.17 30.29
C TRP A 125 9.65 1.41 31.34
N PRO A 126 9.51 2.71 31.71
CA PRO A 126 8.42 3.02 32.65
C PRO A 126 7.07 3.04 31.99
N GLN A 127 6.08 2.48 32.67
CA GLN A 127 4.68 2.48 32.20
C GLN A 127 3.92 3.75 32.61
N LYS A 128 4.43 4.45 33.61
CA LYS A 128 3.77 5.69 34.11
C LYS A 128 4.74 6.84 34.15
N GLU A 129 4.31 8.01 33.67
CA GLU A 129 5.12 9.21 33.66
C GLU A 129 5.77 9.50 35.01
N GLU A 130 4.94 9.36 36.05
CA GLU A 130 5.40 9.71 37.35
C GLU A 130 6.25 8.68 38.07
N LYS A 131 6.53 7.53 37.44
CA LYS A 131 7.37 6.54 38.09
C LYS A 131 8.55 6.25 37.13
N GLU A 132 9.52 7.09 37.19
CA GLU A 132 10.76 6.95 36.40
C GLU A 132 11.61 5.78 36.89
N MET A 133 12.49 5.31 36.02
CA MET A 133 13.40 4.19 36.34
C MET A 133 14.79 4.72 36.48
N ILE A 134 15.52 4.23 37.48
CA ILE A 134 16.92 4.50 37.63
C ILE A 134 17.69 3.15 37.48
N PHE A 135 18.64 3.13 36.58
CA PHE A 135 19.54 2.00 36.43
C PHE A 135 20.80 2.35 37.15
N GLU A 136 20.92 1.90 38.39
CA GLU A 136 22.07 2.33 39.23
C GLU A 136 23.41 1.82 38.71
N ASP A 137 23.40 0.62 38.11
CA ASP A 137 24.62 0.04 37.61
C ASP A 137 25.25 0.83 36.50
N THR A 138 24.49 1.47 35.59
CA THR A 138 25.04 2.25 34.47
C THR A 138 24.77 3.79 34.57
N ASN A 139 24.25 4.20 35.71
CA ASN A 139 24.05 5.61 36.04
C ASN A 139 23.18 6.35 35.04
N LEU A 140 22.05 5.71 34.74
CA LEU A 140 21.03 6.26 33.78
C LEU A 140 19.69 6.39 34.40
N LYS A 141 18.97 7.43 34.01
CA LYS A 141 17.58 7.61 34.43
C LYS A 141 16.74 7.65 33.20
N LEU A 142 15.57 7.01 33.24
CA LEU A 142 14.65 6.99 32.09
C LEU A 142 13.26 7.38 32.54
N THR A 143 12.63 8.33 31.85
CA THR A 143 11.31 8.80 32.16
C THR A 143 10.42 8.65 30.96
N LEU A 144 9.21 8.21 31.19
CA LEU A 144 8.19 8.23 30.20
C LEU A 144 7.65 9.66 30.01
N ILE A 145 7.71 10.21 28.83
CA ILE A 145 7.28 11.59 28.54
C ILE A 145 5.88 11.54 27.99
N SER A 146 5.58 10.63 27.04
CA SER A 146 4.24 10.50 26.44
C SER A 146 4.11 9.23 25.70
N GLU A 147 2.88 8.81 25.47
CA GLU A 147 2.65 7.68 24.59
C GLU A 147 1.44 7.89 23.78
N ASP A 148 1.41 7.26 22.62
CA ASP A 148 0.27 7.29 21.69
C ASP A 148 -0.02 5.83 21.40
N ILE A 149 -1.09 5.31 22.01
CA ILE A 149 -1.52 3.94 21.89
C ILE A 149 -2.44 3.82 20.67
N LYS A 150 -2.02 3.09 19.65
CA LYS A 150 -2.90 2.85 18.46
C LYS A 150 -3.32 1.40 18.41
N SER A 151 -4.13 1.02 17.43
CA SER A 151 -4.67 -0.31 17.42
C SER A 151 -3.65 -1.48 17.32
N TYR A 152 -2.62 -1.25 16.53
CA TYR A 152 -1.66 -2.33 16.28
C TYR A 152 -0.29 -2.02 16.86
N TYR A 153 -0.06 -0.79 17.31
CA TYR A 153 1.25 -0.44 17.88
C TYR A 153 1.14 0.76 18.75
N THR A 154 2.16 0.98 19.60
CA THR A 154 2.24 2.16 20.46
C THR A 154 3.57 2.85 20.23
N VAL A 155 3.59 4.18 20.24
CA VAL A 155 4.74 4.99 20.12
C VAL A 155 4.92 5.79 21.42
N ARG A 156 6.10 5.67 22.01
CA ARG A 156 6.41 6.42 23.24
C ARG A 156 7.55 7.33 23.07
N GLN A 157 7.49 8.47 23.75
CA GLN A 157 8.56 9.36 23.85
CA GLN A 157 8.62 9.39 23.84
C GLN A 157 9.18 9.20 25.22
N LEU A 158 10.49 8.87 25.29
CA LEU A 158 11.20 8.62 26.53
C LEU A 158 12.31 9.60 26.66
N GLU A 159 12.63 10.00 27.87
CA GLU A 159 13.82 10.80 28.13
C GLU A 159 14.84 10.00 28.88
N LEU A 160 16.02 9.88 28.25
CA LEU A 160 17.08 9.12 28.81
C LEU A 160 18.14 10.11 29.30
N GLU A 161 18.50 10.01 30.55
CA GLU A 161 19.48 10.98 31.12
C GLU A 161 20.70 10.29 31.60
N ASN A 162 21.86 10.79 31.20
CA ASN A 162 23.13 10.27 31.71
C ASN A 162 23.38 11.02 33.03
N LEU A 163 23.24 10.31 34.15
CA LEU A 163 23.33 10.91 35.45
C LEU A 163 24.76 11.34 35.82
N THR A 164 25.76 10.95 35.04
CA THR A 164 27.15 11.35 35.30
C THR A 164 27.38 12.76 34.80
N THR A 165 26.66 13.16 33.76
CA THR A 165 26.86 14.44 33.09
C THR A 165 25.62 15.31 33.16
N GLN A 166 24.48 14.71 33.47
CA GLN A 166 23.18 15.36 33.34
C GLN A 166 22.74 15.68 31.92
N GLU A 167 23.43 15.18 30.88
CA GLU A 167 22.98 15.26 29.50
CA GLU A 167 22.96 15.29 29.50
C GLU A 167 21.71 14.41 29.37
N THR A 168 20.75 14.87 28.61
CA THR A 168 19.52 14.12 28.36
C THR A 168 19.32 13.97 26.87
N ARG A 169 18.59 12.92 26.48
CA ARG A 169 18.23 12.72 25.07
C ARG A 169 16.84 12.17 24.97
N GLU A 170 16.15 12.47 23.92
CA GLU A 170 14.81 11.91 23.66
C GLU A 170 14.98 10.63 22.84
N ILE A 171 14.38 9.56 23.30
CA ILE A 171 14.34 8.30 22.59
C ILE A 171 12.96 7.96 22.18
N LEU A 172 12.75 7.51 20.96
CA LEU A 172 11.45 7.06 20.53
C LEU A 172 11.37 5.56 20.65
N HIS A 173 10.32 5.09 21.28
CA HIS A 173 10.05 3.68 21.51
C HIS A 173 8.88 3.26 20.58
N PHE A 174 9.15 2.38 19.58
CA PHE A 174 8.11 1.97 18.65
C PHE A 174 7.79 0.57 19.00
N HIS A 175 6.60 0.27 19.51
CA HIS A 175 6.27 -0.97 20.08
C HIS A 175 5.12 -1.62 19.28
N TYR A 176 5.47 -2.64 18.49
CA TYR A 176 4.46 -3.39 17.80
C TYR A 176 3.84 -4.35 18.73
N THR A 177 2.53 -4.11 19.05
CA THR A 177 1.94 -4.80 20.15
C THR A 177 1.07 -5.96 19.83
N THR A 178 0.95 -6.31 18.56
CA THR A 178 -0.06 -7.21 18.14
C THR A 178 0.46 -8.39 17.27
N TRP A 179 1.73 -8.71 17.39
CA TRP A 179 2.22 -9.98 16.81
C TRP A 179 1.54 -11.13 17.52
N PRO A 180 0.98 -12.08 16.76
CA PRO A 180 0.26 -13.16 17.46
C PRO A 180 1.12 -13.99 18.37
N ASP A 181 0.49 -14.64 19.36
CA ASP A 181 1.28 -15.50 20.23
C ASP A 181 1.82 -16.69 19.45
N PHE A 182 1.05 -17.20 18.49
CA PHE A 182 1.51 -18.27 17.62
C PHE A 182 1.52 -17.84 16.18
N GLY A 183 2.54 -18.25 15.46
CA GLY A 183 2.63 -17.97 14.03
C GLY A 183 2.93 -16.49 13.75
N VAL A 184 2.52 -16.04 12.56
CA VAL A 184 2.83 -14.69 12.08
C VAL A 184 1.52 -13.97 11.73
N PRO A 185 1.58 -12.64 11.58
CA PRO A 185 0.33 -11.96 11.18
C PRO A 185 -0.20 -12.44 9.85
N GLU A 186 -1.52 -12.61 9.72
CA GLU A 186 -2.10 -13.12 8.47
C GLU A 186 -1.86 -12.14 7.30
N SER A 187 -1.88 -10.85 7.59
CA SER A 187 -1.58 -9.81 6.62
C SER A 187 -0.41 -8.99 7.16
N PRO A 188 0.50 -8.52 6.29
CA PRO A 188 1.52 -7.62 6.74
C PRO A 188 1.13 -6.17 6.80
N ALA A 189 -0.15 -5.85 6.59
CA ALA A 189 -0.49 -4.44 6.53
C ALA A 189 -0.08 -3.61 7.75
N SER A 190 -0.44 -4.09 8.92
CA SER A 190 -0.12 -3.36 10.13
C SER A 190 1.35 -3.28 10.46
N PHE A 191 2.08 -4.36 10.14
CA PHE A 191 3.52 -4.32 10.32
C PHE A 191 4.21 -3.34 9.36
N LEU A 192 3.69 -3.22 8.11
CA LEU A 192 4.21 -2.22 7.16
C LEU A 192 3.89 -0.75 7.55
N ASN A 193 2.65 -0.56 8.03
CA ASN A 193 2.30 0.77 8.57
C ASN A 193 3.22 1.11 9.74
N PHE A 194 3.54 0.12 10.58
CA PHE A 194 4.54 0.32 11.65
C PHE A 194 5.89 0.72 11.13
N LEU A 195 6.42 -0.09 10.18
CA LEU A 195 7.65 0.21 9.60
C LEU A 195 7.75 1.64 9.03
N PHE A 196 6.69 1.98 8.31
CA PHE A 196 6.68 3.29 7.66
C PHE A 196 6.64 4.44 8.71
N LYS A 197 5.99 4.21 9.82
CA LYS A 197 5.98 5.17 10.99
C LYS A 197 7.35 5.29 11.58
N VAL A 198 8.06 4.14 11.74
CA VAL A 198 9.42 4.26 12.15
C VAL A 198 10.29 5.11 11.22
N ARG A 199 10.18 4.85 9.91
CA ARG A 199 10.94 5.58 8.95
C ARG A 199 10.59 7.12 8.98
N GLU A 200 9.29 7.37 9.02
CA GLU A 200 8.76 8.79 9.09
C GLU A 200 9.30 9.58 10.29
N SER A 201 9.62 8.89 11.40
CA SER A 201 10.16 9.55 12.60
C SER A 201 11.54 10.12 12.52
N GLY A 202 12.33 9.72 11.52
CA GLY A 202 13.69 10.13 11.42
C GLY A 202 14.63 9.14 12.10
N SER A 203 14.10 8.14 12.79
CA SER A 203 14.97 7.29 13.64
C SER A 203 15.99 6.45 12.86
N LEU A 204 15.73 6.23 11.56
CA LEU A 204 16.58 5.44 10.68
C LEU A 204 17.48 6.26 9.81
N SER A 205 17.51 7.55 10.01
CA SER A 205 18.28 8.44 9.24
C SER A 205 19.73 8.40 9.68
N PRO A 206 20.64 8.69 8.73
CA PRO A 206 22.08 8.63 9.01
C PRO A 206 22.59 9.67 9.97
N GLU A 207 21.80 10.63 10.40
CA GLU A 207 22.33 11.51 11.47
C GLU A 207 22.30 10.85 12.85
N HIS A 208 21.66 9.65 12.97
CA HIS A 208 21.61 9.03 14.26
C HIS A 208 22.43 7.75 14.22
N GLY A 209 22.74 7.24 15.41
CA GLY A 209 23.24 5.85 15.48
C GLY A 209 22.14 4.86 15.09
N PRO A 210 22.51 3.55 14.93
CA PRO A 210 21.60 2.58 14.47
C PRO A 210 20.44 2.45 15.38
N VAL A 211 19.29 2.23 14.76
CA VAL A 211 18.08 1.87 15.49
C VAL A 211 18.37 0.53 16.25
N VAL A 212 17.80 0.41 17.43
CA VAL A 212 17.84 -0.81 18.19
C VAL A 212 16.61 -1.57 18.06
N VAL A 213 16.70 -2.78 17.56
CA VAL A 213 15.54 -3.63 17.28
C VAL A 213 15.60 -4.89 18.12
N HIS A 214 14.51 -5.24 18.78
CA HIS A 214 14.43 -6.50 19.51
C HIS A 214 13.10 -7.19 19.53
N CYS A 215 13.11 -8.48 19.91
CA CYS A 215 11.95 -9.27 20.20
C CYS A 215 12.40 -9.98 21.48
N SER A 216 12.03 -11.22 21.67
CA SER A 216 12.60 -11.93 22.84
C SER A 216 14.02 -12.42 22.64
N ALA A 217 14.31 -13.13 21.57
CA ALA A 217 15.69 -13.56 21.33
C ALA A 217 16.47 -12.61 20.39
N GLY A 218 15.77 -11.69 19.73
CA GLY A 218 16.43 -10.77 18.79
C GLY A 218 16.90 -11.36 17.47
N ILE A 219 16.22 -12.38 16.99
CA ILE A 219 16.55 -12.98 15.70
C ILE A 219 15.36 -13.24 14.80
N GLY A 220 14.23 -13.58 15.34
CA GLY A 220 13.05 -14.02 14.56
C GLY A 220 12.22 -12.88 14.07
N ARG A 221 11.33 -12.36 14.91
CA ARG A 221 10.56 -11.21 14.51
C ARG A 221 11.44 -10.01 14.18
N SER A 222 12.53 -9.85 14.92
CA SER A 222 13.51 -8.77 14.71
C SER A 222 14.11 -8.85 13.34
N GLY A 223 14.37 -10.06 12.90
CA GLY A 223 14.93 -10.30 11.60
C GLY A 223 13.95 -9.89 10.50
N THR A 224 12.68 -10.12 10.70
CA THR A 224 11.70 -9.77 9.66
CA THR A 224 11.69 -9.75 9.64
C THR A 224 11.67 -8.28 9.45
N PHE A 225 11.80 -7.52 10.52
CA PHE A 225 11.80 -6.04 10.44
C PHE A 225 12.95 -5.51 9.64
N CYS A 226 14.15 -5.92 10.00
CA CYS A 226 15.34 -5.48 9.30
CA CYS A 226 15.32 -5.44 9.25
C CYS A 226 15.38 -5.97 7.84
N LEU A 227 14.99 -7.19 7.61
CA LEU A 227 15.00 -7.75 6.27
C LEU A 227 14.01 -6.96 5.36
N ALA A 228 12.83 -6.66 5.85
CA ALA A 228 11.83 -6.01 5.03
C ALA A 228 12.30 -4.61 4.74
N ASP A 229 12.81 -3.89 5.75
CA ASP A 229 13.32 -2.56 5.56
C ASP A 229 14.45 -2.51 4.51
N THR A 230 15.45 -3.39 4.66
CA THR A 230 16.59 -3.33 3.76
C THR A 230 16.13 -3.74 2.36
N CYS A 231 15.24 -4.74 2.22
CA CYS A 231 14.85 -5.14 0.84
C CYS A 231 14.17 -3.95 0.16
N LEU A 232 13.29 -3.25 0.87
CA LEU A 232 12.65 -2.07 0.30
C LEU A 232 13.67 -1.01 -0.04
N LEU A 233 14.62 -0.73 0.82
CA LEU A 233 15.65 0.26 0.49
C LEU A 233 16.37 -0.13 -0.81
N LEU A 234 16.73 -1.41 -0.94
CA LEU A 234 17.46 -1.89 -2.14
C LEU A 234 16.60 -1.73 -3.39
N MET A 235 15.31 -2.02 -3.31
CA MET A 235 14.41 -1.86 -4.47
C MET A 235 14.39 -0.41 -4.96
N ASP A 236 14.40 0.51 -4.04
CA ASP A 236 14.46 1.93 -4.40
C ASP A 236 15.83 2.35 -4.95
N LYS A 237 16.92 1.89 -4.36
CA LYS A 237 18.27 2.25 -4.76
C LYS A 237 18.63 1.70 -6.17
N ARG A 238 18.24 0.48 -6.47
CA ARG A 238 18.55 -0.15 -7.75
C ARG A 238 17.59 0.28 -8.86
N LYS A 239 16.52 0.96 -8.44
CA LYS A 239 15.41 1.45 -9.29
C LYS A 239 14.80 0.30 -10.07
N ASP A 240 14.79 -0.87 -9.42
CA ASP A 240 14.29 -2.10 -10.03
C ASP A 240 13.80 -3.02 -8.92
N PRO A 241 12.47 -3.03 -8.64
CA PRO A 241 11.95 -4.03 -7.71
C PRO A 241 12.42 -5.47 -8.00
N SER A 242 12.59 -5.83 -9.28
CA SER A 242 12.90 -7.21 -9.68
CA SER A 242 12.86 -7.22 -9.61
C SER A 242 14.36 -7.67 -9.46
N SER A 243 15.33 -6.76 -9.25
CA SER A 243 16.72 -7.18 -9.04
C SER A 243 17.04 -7.60 -7.58
N VAL A 244 16.08 -7.45 -6.66
CA VAL A 244 16.33 -7.79 -5.23
C VAL A 244 15.91 -9.20 -4.90
N ASP A 245 16.85 -10.00 -4.37
CA ASP A 245 16.59 -11.35 -4.03
C ASP A 245 16.61 -11.39 -2.50
N ILE A 246 15.45 -11.59 -1.92
CA ILE A 246 15.32 -11.56 -0.45
C ILE A 246 16.18 -12.65 0.22
N LYS A 247 16.36 -13.83 -0.39
CA LYS A 247 17.19 -14.87 0.17
C LYS A 247 18.65 -14.47 0.23
N LYS A 248 19.15 -13.73 -0.77
CA LYS A 248 20.50 -13.24 -0.72
C LYS A 248 20.66 -12.16 0.38
N VAL A 249 19.66 -11.28 0.45
CA VAL A 249 19.69 -10.22 1.49
C VAL A 249 19.72 -10.86 2.85
N LEU A 250 18.88 -11.85 3.04
CA LEU A 250 18.88 -12.53 4.40
C LEU A 250 20.23 -13.21 4.73
N LEU A 251 20.77 -13.88 3.70
CA LEU A 251 22.11 -14.43 3.94
C LEU A 251 23.15 -13.43 4.22
N GLU A 252 23.08 -12.28 3.57
CA GLU A 252 23.96 -11.20 3.98
C GLU A 252 23.77 -10.70 5.42
N MET A 253 22.53 -10.57 5.84
CA MET A 253 22.27 -10.14 7.22
C MET A 253 22.75 -11.20 8.25
N ARG A 254 22.65 -12.49 7.89
CA ARG A 254 23.12 -13.58 8.73
C ARG A 254 24.63 -13.62 8.86
N LYS A 255 25.36 -12.87 8.07
CA LYS A 255 26.76 -12.66 8.37
C LYS A 255 27.05 -11.92 9.66
N PHE A 256 26.05 -11.12 10.11
CA PHE A 256 26.19 -10.27 11.23
C PHE A 256 25.52 -10.77 12.48
N ARG A 257 24.47 -11.56 12.36
CA ARG A 257 23.82 -12.21 13.51
C ARG A 257 23.23 -13.46 13.14
N MET A 258 23.44 -14.52 13.94
CA MET A 258 22.92 -15.80 13.64
C MET A 258 21.42 -15.94 13.63
N GLY A 259 20.87 -16.78 12.78
CA GLY A 259 19.52 -17.20 13.04
C GLY A 259 18.40 -16.29 12.57
N LEU A 260 18.74 -15.20 11.91
CA LEU A 260 17.75 -14.20 11.55
C LEU A 260 16.69 -14.88 10.69
N ILE A 261 15.40 -14.71 11.05
CA ILE A 261 14.26 -15.49 10.53
C ILE A 261 14.31 -16.91 11.02
N GLN A 262 13.43 -17.22 11.95
CA GLN A 262 13.52 -18.49 12.66
C GLN A 262 12.57 -19.59 12.23
N THR A 263 11.67 -19.33 11.32
CA THR A 263 10.76 -20.30 10.86
C THR A 263 10.42 -20.05 9.39
N ALA A 264 9.94 -21.10 8.74
CA ALA A 264 9.49 -20.96 7.37
C ALA A 264 8.34 -19.95 7.25
N ASP A 265 7.49 -19.88 8.27
CA ASP A 265 6.32 -18.92 8.36
C ASP A 265 6.82 -17.49 8.43
N GLN A 266 7.94 -17.26 9.15
CA GLN A 266 8.52 -15.97 9.19
C GLN A 266 9.12 -15.60 7.86
N LEU A 267 9.75 -16.57 7.17
CA LEU A 267 10.32 -16.31 5.82
C LEU A 267 9.15 -15.92 4.83
N ARG A 268 8.09 -16.68 4.81
CA ARG A 268 6.93 -16.36 4.01
C ARG A 268 6.40 -14.97 4.31
N PHE A 269 6.25 -14.68 5.60
CA PHE A 269 5.82 -13.34 5.99
C PHE A 269 6.69 -12.22 5.51
N SER A 270 8.03 -12.39 5.55
CA SER A 270 8.96 -11.35 5.16
C SER A 270 8.79 -11.14 3.64
N TYR A 271 8.64 -12.18 2.89
CA TYR A 271 8.37 -12.05 1.46
C TYR A 271 7.11 -11.27 1.24
N LEU A 272 6.05 -11.62 1.95
CA LEU A 272 4.76 -10.92 1.80
C LEU A 272 4.87 -9.48 2.14
N ALA A 273 5.57 -9.17 3.23
CA ALA A 273 5.78 -7.81 3.61
C ALA A 273 6.50 -6.99 2.58
N VAL A 274 7.56 -7.52 1.99
CA VAL A 274 8.34 -6.79 1.01
C VAL A 274 7.43 -6.64 -0.27
N ILE A 275 6.75 -7.67 -0.68
CA ILE A 275 5.90 -7.55 -1.88
C ILE A 275 4.84 -6.47 -1.66
N GLU A 276 4.16 -6.58 -0.55
CA GLU A 276 3.02 -5.67 -0.30
CA GLU A 276 3.04 -5.64 -0.28
C GLU A 276 3.58 -4.26 -0.03
N GLY A 277 4.71 -4.13 0.66
CA GLY A 277 5.31 -2.82 0.81
C GLY A 277 5.70 -2.14 -0.48
N ALA A 278 6.32 -2.87 -1.40
CA ALA A 278 6.70 -2.36 -2.71
C ALA A 278 5.42 -1.97 -3.48
N LYS A 279 4.38 -2.79 -3.43
CA LYS A 279 3.08 -2.51 -4.15
C LYS A 279 2.45 -1.27 -3.59
N PHE A 280 2.48 -1.10 -2.27
CA PHE A 280 1.92 0.10 -1.59
C PHE A 280 2.68 1.35 -2.06
N ILE A 281 4.01 1.32 -1.99
CA ILE A 281 4.81 2.41 -2.42
C ILE A 281 4.52 2.75 -3.90
N MET A 282 4.25 1.74 -4.73
CA MET A 282 4.00 2.00 -6.16
C MET A 282 2.56 2.38 -6.49
N GLY A 283 1.70 2.58 -5.48
CA GLY A 283 0.28 3.06 -5.68
C GLY A 283 -0.89 2.14 -5.38
N ASP A 284 -0.63 0.93 -4.87
CA ASP A 284 -1.70 -0.01 -4.52
C ASP A 284 -2.14 0.12 -3.01
N SER A 285 -3.22 0.86 -2.76
CA SER A 285 -3.73 0.99 -1.39
C SER A 285 -4.47 -0.28 -0.83
N SER A 286 -4.89 -1.21 -1.70
CA SER A 286 -5.71 -2.39 -1.33
C SER A 286 -4.94 -3.39 -0.48
N VAL A 287 -3.61 -3.34 -0.56
CA VAL A 287 -2.76 -4.22 0.26
C VAL A 287 -2.80 -3.82 1.79
N GLN A 288 -3.27 -2.60 2.10
CA GLN A 288 -3.65 -2.21 3.45
C GLN A 288 -5.03 -2.80 3.91
N ASP A 289 -5.84 -3.34 2.99
CA ASP A 289 -7.15 -3.83 3.37
C ASP A 289 -6.94 -5.09 4.27
N GLN A 290 -7.74 -5.26 5.32
CA GLN A 290 -7.92 -6.61 5.85
C GLN A 290 -9.41 -6.90 6.02
N TRP A 291 -10.14 -6.86 4.90
CA TRP A 291 -11.60 -7.10 4.87
C TRP A 291 -11.71 -8.60 5.19
N LYS A 292 -12.61 -8.95 6.09
CA LYS A 292 -12.91 -10.35 6.37
C LYS A 292 -14.40 -10.57 6.37
N GLU A 293 -14.77 -11.82 6.05
CA GLU A 293 -16.17 -12.26 6.04
C GLU A 293 -16.58 -12.21 7.52
N LEU A 294 -17.87 -12.05 7.69
CA LEU A 294 -18.50 -12.12 8.98
C LEU A 294 -18.30 -13.56 9.46
N SER A 295 -17.65 -13.70 10.62
CA SER A 295 -17.43 -15.01 11.19
C SER A 295 -17.40 -14.83 12.70
N HIS A 296 -17.70 -15.92 13.42
CA HIS A 296 -17.59 -15.87 14.89
C HIS A 296 -16.97 -17.18 15.32
N GLU A 297 -15.73 -17.36 14.94
CA GLU A 297 -15.05 -18.67 15.09
C GLU A 297 -14.59 -18.91 16.49
N ASP A 298 -14.50 -17.82 17.29
CA ASP A 298 -14.00 -17.92 18.67
C ASP A 298 -15.07 -18.39 19.67
N MET B 1 -0.56 25.59 -29.50
CA MET B 1 -0.52 24.27 -28.82
C MET B 1 -0.48 23.26 -29.98
N GLU B 2 0.45 22.33 -29.91
CA GLU B 2 0.67 21.40 -30.99
C GLU B 2 -0.56 20.54 -31.13
N MET B 3 -1.12 20.09 -30.01
CA MET B 3 -2.30 19.26 -30.10
C MET B 3 -3.46 19.94 -30.73
N GLU B 4 -3.63 21.27 -30.60
CA GLU B 4 -4.67 21.94 -31.22
C GLU B 4 -4.50 21.94 -32.82
N LYS B 5 -3.25 22.07 -33.21
CA LYS B 5 -2.95 21.99 -34.66
C LYS B 5 -3.25 20.58 -35.19
N GLU B 6 -2.90 19.58 -34.40
CA GLU B 6 -3.26 18.19 -34.73
C GLU B 6 -4.79 17.99 -34.88
N PHE B 7 -5.53 18.52 -33.87
CA PHE B 7 -6.98 18.43 -33.88
C PHE B 7 -7.58 19.08 -35.13
N GLU B 8 -7.11 20.27 -35.44
CA GLU B 8 -7.59 20.96 -36.64
C GLU B 8 -7.31 20.18 -37.95
N GLN B 9 -6.15 19.59 -38.00
CA GLN B 9 -5.76 18.70 -39.19
C GLN B 9 -6.70 17.48 -39.29
N ILE B 10 -7.02 16.84 -38.15
CA ILE B 10 -7.90 15.68 -38.24
C ILE B 10 -9.31 16.09 -38.59
N ASP B 11 -9.80 17.20 -38.04
CA ASP B 11 -11.10 17.68 -38.28
C ASP B 11 -11.25 18.09 -39.73
N LYS B 12 -10.27 18.79 -40.24
CA LYS B 12 -10.32 19.32 -41.63
C LYS B 12 -10.28 18.20 -42.63
N SER B 13 -9.56 17.14 -42.33
CA SER B 13 -9.49 15.98 -43.24
C SER B 13 -10.54 14.90 -43.02
N GLY B 14 -11.40 15.05 -42.01
CA GLY B 14 -12.50 14.12 -41.71
C GLY B 14 -11.95 12.76 -41.34
N SER B 15 -10.86 12.75 -40.60
CA SER B 15 -10.16 11.48 -40.32
CA SER B 15 -10.06 11.56 -40.25
C SER B 15 -10.45 10.84 -38.96
N TRP B 16 -11.38 11.38 -38.18
CA TRP B 16 -11.70 10.77 -36.88
C TRP B 16 -12.08 9.25 -36.94
N ALA B 17 -12.88 8.91 -37.92
CA ALA B 17 -13.31 7.53 -38.05
C ALA B 17 -12.18 6.65 -38.40
N ALA B 18 -11.27 7.11 -39.26
CA ALA B 18 -10.13 6.35 -39.69
C ALA B 18 -9.13 6.16 -38.60
N ILE B 19 -8.90 7.23 -37.83
CA ILE B 19 -8.03 7.13 -36.64
CA ILE B 19 -8.01 7.13 -36.67
C ILE B 19 -8.57 6.19 -35.61
N TYR B 20 -9.88 6.27 -35.39
CA TYR B 20 -10.54 5.38 -34.47
C TYR B 20 -10.38 3.92 -34.85
N GLN B 21 -10.60 3.62 -36.14
CA GLN B 21 -10.43 2.21 -36.57
C GLN B 21 -9.00 1.79 -36.47
N ASP B 22 -8.04 2.66 -36.67
CA ASP B 22 -6.63 2.26 -36.45
C ASP B 22 -6.36 1.89 -35.00
N ILE B 23 -6.93 2.65 -34.05
CA ILE B 23 -6.83 2.23 -32.65
C ILE B 23 -7.40 0.88 -32.40
N ARG B 24 -8.59 0.59 -32.92
CA ARG B 24 -9.21 -0.73 -32.75
C ARG B 24 -8.29 -1.83 -33.28
N HIS B 25 -7.70 -1.58 -34.44
CA HIS B 25 -6.79 -2.53 -35.05
CA HIS B 25 -6.78 -2.54 -35.04
C HIS B 25 -5.54 -2.75 -34.22
N GLU B 26 -5.01 -1.73 -33.60
CA GLU B 26 -3.80 -1.79 -32.82
C GLU B 26 -3.93 -2.24 -31.37
N ALA B 27 -5.16 -2.26 -30.89
CA ALA B 27 -5.38 -2.46 -29.48
C ALA B 27 -4.93 -3.90 -29.04
N SER B 28 -4.51 -3.99 -27.81
CA SER B 28 -4.13 -5.23 -27.13
C SER B 28 -5.26 -6.21 -26.98
N ASP B 29 -4.94 -7.51 -27.08
CA ASP B 29 -5.95 -8.56 -26.87
C ASP B 29 -5.27 -9.46 -25.83
N PHE B 30 -5.86 -9.56 -24.65
CA PHE B 30 -5.37 -10.44 -23.65
C PHE B 30 -6.53 -11.35 -23.18
N PRO B 31 -6.17 -12.43 -22.50
CA PRO B 31 -7.28 -13.33 -22.12
C PRO B 31 -8.12 -12.83 -20.95
N CYS B 32 -9.37 -13.27 -20.93
CA CYS B 32 -10.37 -12.95 -19.85
C CYS B 32 -10.99 -14.25 -19.36
N ARG B 33 -10.14 -15.21 -19.03
CA ARG B 33 -10.66 -16.58 -18.66
C ARG B 33 -11.50 -16.55 -17.38
N VAL B 34 -11.14 -15.77 -16.36
CA VAL B 34 -11.92 -15.76 -15.12
C VAL B 34 -13.31 -15.20 -15.44
N ALA B 35 -13.36 -14.07 -16.16
CA ALA B 35 -14.66 -13.49 -16.55
C ALA B 35 -15.63 -14.42 -17.24
N LYS B 36 -15.06 -15.42 -17.97
CA LYS B 36 -15.83 -16.30 -18.78
C LYS B 36 -16.22 -17.64 -18.08
N LEU B 37 -15.84 -17.78 -16.83
CA LEU B 37 -16.23 -18.97 -16.07
C LEU B 37 -17.71 -19.03 -15.95
N PRO B 38 -18.35 -20.21 -16.03
CA PRO B 38 -19.79 -20.23 -15.93
C PRO B 38 -20.43 -19.61 -14.67
N LYS B 39 -19.74 -19.74 -13.56
CA LYS B 39 -20.16 -19.19 -12.27
C LYS B 39 -20.21 -17.66 -12.30
N ASN B 40 -19.50 -17.07 -13.25
CA ASN B 40 -19.49 -15.60 -13.38
C ASN B 40 -20.46 -15.06 -14.40
N LYS B 41 -21.26 -15.89 -15.05
CA LYS B 41 -22.14 -15.44 -16.10
C LYS B 41 -23.11 -14.33 -15.63
N ASN B 42 -23.62 -14.50 -14.45
CA ASN B 42 -24.60 -13.52 -13.94
C ASN B 42 -23.95 -12.36 -13.29
N ARG B 43 -22.61 -12.31 -13.30
CA ARG B 43 -21.82 -11.13 -12.82
C ARG B 43 -21.43 -10.16 -13.91
N ASN B 44 -21.72 -10.46 -15.17
CA ASN B 44 -21.37 -9.67 -16.30
C ASN B 44 -22.58 -9.11 -17.00
N ARG B 45 -22.59 -7.79 -17.10
CA ARG B 45 -23.67 -7.10 -17.76
C ARG B 45 -23.74 -7.33 -19.27
N TYR B 46 -22.58 -7.27 -19.95
CA TYR B 46 -22.40 -7.37 -21.42
C TYR B 46 -21.41 -8.55 -21.70
N ARG B 47 -21.83 -9.52 -22.53
CA ARG B 47 -20.93 -10.64 -22.89
C ARG B 47 -19.65 -10.16 -23.62
N ASP B 48 -19.74 -8.98 -24.27
CA ASP B 48 -18.62 -8.48 -25.11
C ASP B 48 -17.63 -7.58 -24.34
N VAL B 49 -17.93 -7.25 -23.05
CA VAL B 49 -17.04 -6.36 -22.25
C VAL B 49 -16.63 -7.06 -20.96
N SER B 50 -15.42 -7.63 -20.97
CA SER B 50 -14.87 -8.39 -19.83
C SER B 50 -13.60 -7.81 -19.41
N PRO B 51 -13.17 -7.97 -18.20
CA PRO B 51 -11.87 -7.55 -17.70
C PRO B 51 -10.81 -8.59 -18.15
N PHE B 52 -9.65 -8.12 -18.54
CA PHE B 52 -8.49 -9.01 -18.74
C PHE B 52 -8.15 -9.67 -17.43
N ASP B 53 -7.70 -10.92 -17.47
CA ASP B 53 -7.21 -11.55 -16.27
C ASP B 53 -6.10 -10.81 -15.59
N HIS B 54 -5.13 -10.26 -16.36
CA HIS B 54 -4.02 -9.62 -15.78
C HIS B 54 -4.25 -8.36 -14.92
N SER B 55 -5.32 -7.65 -15.30
CA SER B 55 -5.57 -6.36 -14.63
C SER B 55 -6.91 -6.38 -13.89
N ARG B 56 -7.57 -7.51 -13.76
CA ARG B 56 -8.89 -7.54 -13.11
C ARG B 56 -8.70 -7.20 -11.62
N ILE B 57 -9.73 -6.57 -11.06
CA ILE B 57 -9.72 -6.37 -9.64
C ILE B 57 -10.28 -7.61 -8.97
N LYS B 58 -9.54 -8.15 -8.01
CA LYS B 58 -10.05 -9.30 -7.25
C LYS B 58 -10.72 -8.81 -5.95
N LEU B 59 -11.88 -9.33 -5.70
CA LEU B 59 -12.52 -9.16 -4.39
C LEU B 59 -11.73 -10.00 -3.36
N HIS B 60 -11.69 -9.50 -2.13
CA HIS B 60 -10.85 -10.18 -1.09
C HIS B 60 -11.65 -11.26 -0.38
N GLN B 61 -12.88 -11.48 -0.75
CA GLN B 61 -13.64 -12.58 -0.22
C GLN B 61 -13.17 -13.94 -0.72
N GLU B 62 -13.48 -14.97 0.05
CA GLU B 62 -13.16 -16.38 -0.29
C GLU B 62 -14.11 -17.06 -1.25
N ASP B 63 -15.37 -16.67 -1.24
CA ASP B 63 -16.35 -17.43 -1.99
C ASP B 63 -16.11 -17.31 -3.51
N ASN B 64 -16.25 -16.10 -4.01
CA ASN B 64 -15.99 -15.92 -5.46
C ASN B 64 -15.39 -14.51 -5.58
N ASP B 65 -14.15 -14.40 -6.06
CA ASP B 65 -13.42 -13.16 -6.09
C ASP B 65 -13.76 -12.26 -7.35
N TYR B 66 -14.70 -12.66 -8.15
CA TYR B 66 -14.89 -12.01 -9.47
C TYR B 66 -15.86 -10.78 -9.38
N ILE B 67 -15.33 -9.66 -9.93
CA ILE B 67 -16.15 -8.50 -10.35
C ILE B 67 -15.67 -8.06 -11.73
N ASN B 68 -16.58 -7.58 -12.53
CA ASN B 68 -16.21 -6.99 -13.83
C ASN B 68 -15.63 -5.55 -13.64
N ALA B 69 -14.38 -5.50 -13.34
CA ALA B 69 -13.63 -4.30 -13.01
C ALA B 69 -12.17 -4.50 -13.30
N SER B 70 -11.51 -3.45 -13.77
CA SER B 70 -10.13 -3.47 -14.20
C SER B 70 -9.34 -2.36 -13.60
N LEU B 71 -8.12 -2.60 -13.19
CA LEU B 71 -7.20 -1.59 -12.70
C LEU B 71 -6.39 -1.03 -13.85
N ILE B 72 -6.56 0.25 -14.19
CA ILE B 72 -5.82 0.93 -15.22
CA ILE B 72 -5.82 0.91 -15.22
C ILE B 72 -4.69 1.67 -14.52
N LYS B 73 -3.46 1.23 -14.70
CA LYS B 73 -2.33 1.80 -13.97
C LYS B 73 -1.49 2.62 -14.91
N MET B 74 -1.49 3.94 -14.78
CA MET B 74 -0.73 4.84 -15.68
C MET B 74 0.55 5.25 -15.02
N GLU B 75 1.62 4.48 -15.35
CA GLU B 75 2.88 4.59 -14.66
C GLU B 75 3.56 5.95 -14.82
N GLU B 76 3.65 6.47 -15.99
CA GLU B 76 4.32 7.77 -16.19
C GLU B 76 3.53 8.90 -15.48
N ALA B 77 2.21 8.84 -15.59
CA ALA B 77 1.38 9.82 -14.93
C ALA B 77 1.20 9.67 -13.45
N GLN B 78 1.50 8.47 -12.92
CA GLN B 78 1.40 8.17 -11.51
C GLN B 78 -0.07 8.35 -11.02
N ARG B 79 -0.91 7.74 -11.82
CA ARG B 79 -2.33 7.73 -11.48
C ARG B 79 -2.90 6.34 -11.86
N SER B 80 -3.85 5.89 -11.06
CA SER B 80 -4.59 4.71 -11.35
C SER B 80 -6.09 4.95 -11.28
N TYR B 81 -6.82 4.14 -11.99
CA TYR B 81 -8.29 4.22 -12.05
C TYR B 81 -8.84 2.79 -12.04
N ILE B 82 -10.02 2.56 -11.44
CA ILE B 82 -10.73 1.31 -11.60
C ILE B 82 -11.87 1.55 -12.52
N LEU B 83 -11.96 0.87 -13.64
CA LEU B 83 -13.05 1.00 -14.59
C LEU B 83 -13.90 -0.25 -14.43
N THR B 84 -15.20 -0.05 -14.26
CA THR B 84 -16.14 -1.13 -14.01
C THR B 84 -17.41 -0.94 -14.76
N GLN B 85 -18.19 -1.99 -14.88
CA GLN B 85 -19.49 -1.89 -15.41
C GLN B 85 -20.45 -1.27 -14.38
N GLY B 86 -21.53 -0.80 -14.90
CA GLY B 86 -22.64 -0.44 -14.00
C GLY B 86 -23.12 -1.66 -13.21
N PRO B 87 -23.19 -1.59 -11.90
CA PRO B 87 -23.60 -2.74 -11.08
C PRO B 87 -24.93 -3.32 -11.47
N LEU B 88 -25.04 -4.67 -11.37
CA LEU B 88 -26.25 -5.40 -11.59
C LEU B 88 -26.97 -5.51 -10.27
N PRO B 89 -28.24 -5.88 -10.29
CA PRO B 89 -28.92 -6.09 -8.98
C PRO B 89 -28.30 -7.03 -8.04
N ASN B 90 -27.65 -8.08 -8.57
CA ASN B 90 -26.92 -9.00 -7.79
C ASN B 90 -25.46 -8.75 -7.53
N THR B 91 -24.91 -7.63 -8.08
CA THR B 91 -23.50 -7.34 -7.83
C THR B 91 -23.30 -6.00 -7.12
N CYS B 92 -24.39 -5.42 -6.56
CA CYS B 92 -24.19 -4.17 -5.85
C CYS B 92 -23.40 -4.33 -4.57
N GLY B 93 -23.58 -5.44 -3.82
CA GLY B 93 -22.76 -5.74 -2.73
C GLY B 93 -21.26 -5.94 -3.07
N HIS B 94 -21.01 -6.63 -4.20
CA HIS B 94 -19.63 -6.84 -4.70
C HIS B 94 -18.96 -5.49 -4.99
N PHE B 95 -19.76 -4.62 -5.58
CA PHE B 95 -19.29 -3.24 -5.98
C PHE B 95 -18.84 -2.55 -4.76
N TRP B 96 -19.70 -2.46 -3.73
CA TRP B 96 -19.29 -1.81 -2.50
C TRP B 96 -18.14 -2.44 -1.72
N GLU B 97 -18.09 -3.78 -1.79
CA GLU B 97 -16.98 -4.49 -1.23
C GLU B 97 -15.68 -4.09 -1.92
N MET B 98 -15.74 -3.96 -3.23
CA MET B 98 -14.56 -3.48 -3.98
C MET B 98 -14.13 -2.08 -3.56
N VAL B 99 -15.12 -1.16 -3.49
CA VAL B 99 -14.83 0.19 -2.98
C VAL B 99 -14.16 0.18 -1.62
N TRP B 100 -14.69 -0.63 -0.71
CA TRP B 100 -14.17 -0.79 0.62
C TRP B 100 -12.69 -1.31 0.63
N GLU B 101 -12.50 -2.39 -0.10
CA GLU B 101 -11.20 -3.10 -0.09
C GLU B 101 -10.14 -2.30 -0.76
N GLN B 102 -10.52 -1.57 -1.82
CA GLN B 102 -9.54 -0.77 -2.51
C GLN B 102 -9.28 0.58 -1.86
N LYS B 103 -10.02 0.96 -0.80
CA LYS B 103 -9.92 2.22 -0.06
C LYS B 103 -10.11 3.46 -0.98
N SER B 104 -10.99 3.29 -1.95
CA SER B 104 -11.33 4.38 -2.85
C SER B 104 -12.16 5.45 -2.05
N ARG B 105 -12.00 6.67 -2.43
CA ARG B 105 -12.74 7.79 -1.84
C ARG B 105 -13.82 8.24 -2.81
N GLY B 106 -13.60 8.12 -4.11
CA GLY B 106 -14.56 8.56 -5.10
C GLY B 106 -15.11 7.52 -6.02
N VAL B 107 -16.38 7.60 -6.38
CA VAL B 107 -17.00 6.86 -7.41
C VAL B 107 -17.52 7.86 -8.43
N VAL B 108 -17.25 7.58 -9.68
CA VAL B 108 -17.63 8.47 -10.80
C VAL B 108 -18.58 7.68 -11.68
N MET B 109 -19.80 8.24 -11.87
CA MET B 109 -20.80 7.64 -12.68
C MET B 109 -21.14 8.55 -13.88
N LEU B 110 -21.07 8.00 -15.08
CA LEU B 110 -21.25 8.81 -16.30
C LEU B 110 -22.53 8.60 -17.06
N ASN B 111 -23.46 7.86 -16.52
CA ASN B 111 -24.69 7.50 -17.14
C ASN B 111 -25.81 7.74 -16.21
N ARG B 112 -27.03 7.64 -16.74
CA ARG B 112 -28.24 7.56 -15.86
C ARG B 112 -28.71 6.13 -15.73
N VAL B 113 -29.42 5.84 -14.65
CA VAL B 113 -29.82 4.41 -14.43
C VAL B 113 -30.76 3.89 -15.57
N MET B 114 -31.61 4.84 -16.02
CA MET B 114 -32.60 4.66 -17.11
C MET B 114 -32.24 5.66 -18.22
N GLU B 115 -31.97 5.18 -19.43
CA GLU B 115 -31.75 6.03 -20.60
C GLU B 115 -32.71 5.54 -21.72
N LYS B 116 -33.65 6.40 -22.12
CA LYS B 116 -34.69 6.09 -23.16
C LYS B 116 -35.48 4.85 -22.77
N GLY B 117 -35.94 4.83 -21.53
CA GLY B 117 -36.50 3.61 -20.94
C GLY B 117 -35.78 2.27 -21.13
N SER B 118 -34.45 2.23 -21.28
CA SER B 118 -33.72 0.96 -21.15
C SER B 118 -32.76 1.04 -19.92
N LEU B 119 -32.70 -0.04 -19.14
CA LEU B 119 -31.93 -0.12 -17.89
C LEU B 119 -30.47 -0.19 -18.20
N LYS B 120 -29.70 0.72 -17.61
CA LYS B 120 -28.29 0.75 -17.84
C LYS B 120 -27.51 0.35 -16.61
N CYS B 121 -28.08 0.53 -15.41
CA CYS B 121 -27.34 0.44 -14.17
C CYS B 121 -28.37 0.13 -13.08
N ALA B 122 -28.06 -0.67 -12.08
CA ALA B 122 -28.89 -0.83 -10.92
C ALA B 122 -28.84 0.42 -10.08
N GLN B 123 -29.88 0.62 -9.27
CA GLN B 123 -29.82 1.76 -8.37
C GLN B 123 -29.06 1.32 -7.14
N TYR B 124 -27.73 1.48 -7.17
CA TYR B 124 -26.83 0.93 -6.20
C TYR B 124 -26.49 1.79 -5.02
N TRP B 125 -27.09 3.00 -4.99
CA TRP B 125 -26.90 3.92 -3.90
C TRP B 125 -28.33 4.43 -3.54
N PRO B 126 -28.40 4.90 -2.28
CA PRO B 126 -29.77 5.31 -1.85
C PRO B 126 -30.24 6.65 -2.45
N GLN B 127 -31.50 6.67 -2.85
CA GLN B 127 -32.20 7.85 -3.42
C GLN B 127 -32.55 8.85 -2.30
N LYS B 128 -32.69 8.38 -1.04
CA LYS B 128 -33.14 9.25 0.06
C LYS B 128 -32.30 9.03 1.24
N GLU B 129 -32.01 10.07 2.00
CA GLU B 129 -31.35 9.99 3.24
C GLU B 129 -31.94 8.94 4.24
N GLU B 130 -33.27 8.91 4.35
CA GLU B 130 -33.92 8.07 5.33
C GLU B 130 -34.12 6.67 4.88
N LYS B 131 -33.67 6.32 3.67
CA LYS B 131 -33.77 4.95 3.16
C LYS B 131 -32.38 4.42 2.83
N GLU B 132 -31.68 4.02 3.85
CA GLU B 132 -30.37 3.39 3.67
C GLU B 132 -30.49 2.01 3.08
N MET B 133 -29.33 1.53 2.55
CA MET B 133 -29.24 0.23 1.90
C MET B 133 -28.33 -0.65 2.70
N ILE B 134 -28.75 -1.93 2.79
CA ILE B 134 -27.93 -2.95 3.36
C ILE B 134 -27.71 -4.09 2.35
N PHE B 135 -26.46 -4.35 2.13
CA PHE B 135 -26.00 -5.41 1.23
C PHE B 135 -25.62 -6.58 2.07
N GLU B 136 -26.56 -7.53 2.03
CA GLU B 136 -26.48 -8.60 3.06
C GLU B 136 -25.38 -9.58 2.72
N ASP B 137 -25.09 -9.73 1.44
CA ASP B 137 -24.03 -10.68 1.08
C ASP B 137 -22.65 -10.26 1.52
N THR B 138 -22.33 -8.97 1.48
CA THR B 138 -21.04 -8.47 1.89
C THR B 138 -20.98 -7.73 3.21
N ASN B 139 -22.14 -7.69 3.87
CA ASN B 139 -22.31 -7.07 5.20
C ASN B 139 -21.88 -5.58 5.29
N LEU B 140 -22.40 -4.85 4.33
CA LEU B 140 -22.14 -3.44 4.21
C LEU B 140 -23.47 -2.63 4.24
N LYS B 141 -23.40 -1.47 4.88
CA LYS B 141 -24.55 -0.57 4.95
C LYS B 141 -24.13 0.79 4.28
N LEU B 142 -25.02 1.35 3.48
CA LEU B 142 -24.75 2.56 2.78
C LEU B 142 -25.85 3.59 3.02
N THR B 143 -25.46 4.76 3.43
CA THR B 143 -26.43 5.84 3.71
C THR B 143 -26.06 7.10 2.93
N LEU B 144 -27.05 7.73 2.40
CA LEU B 144 -26.91 9.00 1.73
C LEU B 144 -26.89 10.06 2.81
N ILE B 145 -25.83 10.82 2.90
CA ILE B 145 -25.66 11.86 3.91
C ILE B 145 -26.08 13.22 3.36
N SER B 146 -25.59 13.59 2.20
CA SER B 146 -25.87 14.89 1.60
C SER B 146 -25.78 14.82 0.09
N GLU B 147 -26.45 15.74 -0.59
CA GLU B 147 -26.53 15.76 -2.03
C GLU B 147 -26.43 17.18 -2.49
N ASP B 148 -25.58 17.49 -3.48
CA ASP B 148 -25.52 18.80 -4.09
C ASP B 148 -25.88 18.57 -5.61
N ILE B 149 -27.11 18.92 -6.00
CA ILE B 149 -27.54 18.82 -7.41
C ILE B 149 -27.06 20.13 -8.08
N LYS B 150 -26.29 20.00 -9.13
CA LYS B 150 -25.84 21.14 -9.90
C LYS B 150 -26.48 21.06 -11.28
N SER B 151 -26.16 22.07 -12.11
CA SER B 151 -26.77 22.16 -13.41
C SER B 151 -26.47 21.01 -14.35
N TYR B 152 -25.25 20.48 -14.22
CA TYR B 152 -24.85 19.44 -15.20
C TYR B 152 -24.38 18.13 -14.53
N TYR B 153 -24.23 18.15 -13.21
CA TYR B 153 -23.85 16.94 -12.45
C TYR B 153 -24.27 17.10 -11.00
N THR B 154 -24.22 15.99 -10.28
CA THR B 154 -24.58 15.97 -8.88
C THR B 154 -23.46 15.36 -8.08
N VAL B 155 -23.21 15.88 -6.88
CA VAL B 155 -22.16 15.34 -6.01
C VAL B 155 -22.92 14.87 -4.77
N ARG B 156 -22.68 13.62 -4.34
CA ARG B 156 -23.27 13.06 -3.13
C ARG B 156 -22.25 12.64 -2.14
N GLN B 157 -22.55 12.77 -0.85
CA GLN B 157 -21.70 12.30 0.20
C GLN B 157 -22.43 11.08 0.80
N LEU B 158 -21.75 9.93 0.78
CA LEU B 158 -22.31 8.72 1.29
C LEU B 158 -21.48 8.26 2.49
N GLU B 159 -22.09 7.51 3.40
CA GLU B 159 -21.41 6.79 4.44
C GLU B 159 -21.53 5.28 4.19
N LEU B 160 -20.35 4.65 4.02
CA LEU B 160 -20.27 3.23 3.89
C LEU B 160 -19.76 2.65 5.19
N GLU B 161 -20.55 1.73 5.70
CA GLU B 161 -20.22 1.07 6.98
C GLU B 161 -20.03 -0.44 6.81
N ASN B 162 -18.92 -0.90 7.33
CA ASN B 162 -18.64 -2.34 7.40
C ASN B 162 -19.28 -2.87 8.66
N LEU B 163 -20.36 -3.61 8.49
CA LEU B 163 -21.18 -4.08 9.61
C LEU B 163 -20.45 -5.11 10.45
N THR B 164 -19.44 -5.73 9.87
CA THR B 164 -18.63 -6.75 10.56
C THR B 164 -17.71 -6.05 11.54
N THR B 165 -17.14 -4.90 11.17
CA THR B 165 -16.25 -4.16 12.11
C THR B 165 -16.81 -2.89 12.76
N GLN B 166 -17.94 -2.40 12.26
CA GLN B 166 -18.49 -1.14 12.62
C GLN B 166 -17.62 0.02 12.18
N GLU B 167 -16.65 -0.18 11.29
CA GLU B 167 -15.86 0.94 10.78
CA GLU B 167 -15.86 0.93 10.78
C GLU B 167 -16.72 1.66 9.70
N THR B 168 -16.53 2.98 9.62
CA THR B 168 -17.25 3.74 8.60
C THR B 168 -16.26 4.46 7.73
N ARG B 169 -16.66 4.71 6.50
CA ARG B 169 -15.88 5.54 5.57
C ARG B 169 -16.83 6.46 4.79
N GLU B 170 -16.27 7.60 4.42
CA GLU B 170 -16.90 8.53 3.53
C GLU B 170 -16.58 8.22 2.09
N ILE B 171 -17.64 8.15 1.27
CA ILE B 171 -17.48 8.01 -0.17
C ILE B 171 -18.18 9.17 -0.84
N LEU B 172 -17.52 9.82 -1.77
CA LEU B 172 -18.09 10.87 -2.62
C LEU B 172 -18.51 10.25 -3.94
N HIS B 173 -19.73 10.48 -4.35
CA HIS B 173 -20.31 9.98 -5.60
C HIS B 173 -20.45 11.14 -6.54
N PHE B 174 -19.77 11.10 -7.67
CA PHE B 174 -19.73 12.17 -8.66
C PHE B 174 -20.53 11.67 -9.82
N HIS B 175 -21.70 12.25 -10.05
CA HIS B 175 -22.63 11.73 -11.05
C HIS B 175 -22.85 12.75 -12.17
N TYR B 176 -22.28 12.50 -13.32
CA TYR B 176 -22.50 13.37 -14.50
C TYR B 176 -23.83 12.94 -15.07
N THR B 177 -24.85 13.82 -14.89
CA THR B 177 -26.20 13.51 -15.15
C THR B 177 -26.76 13.93 -16.47
N THR B 178 -25.95 14.59 -17.24
CA THR B 178 -26.42 15.26 -18.45
C THR B 178 -25.76 14.85 -19.73
N TRP B 179 -25.10 13.72 -19.76
CA TRP B 179 -24.50 13.25 -21.05
C TRP B 179 -25.69 12.94 -21.94
N PRO B 180 -25.66 13.34 -23.20
CA PRO B 180 -26.84 13.24 -24.07
C PRO B 180 -27.16 11.78 -24.32
N ASP B 181 -28.42 11.59 -24.62
CA ASP B 181 -28.86 10.24 -24.88
C ASP B 181 -28.21 9.65 -26.18
N PHE B 182 -27.87 10.53 -27.14
CA PHE B 182 -27.15 10.13 -28.33
C PHE B 182 -25.95 11.02 -28.48
N GLY B 183 -24.81 10.43 -28.77
CA GLY B 183 -23.67 11.21 -29.03
C GLY B 183 -23.02 11.73 -27.76
N VAL B 184 -22.14 12.71 -27.97
CA VAL B 184 -21.31 13.29 -26.87
C VAL B 184 -21.75 14.70 -26.57
N PRO B 185 -21.37 15.27 -25.41
CA PRO B 185 -21.71 16.66 -25.13
C PRO B 185 -21.11 17.58 -26.22
N GLU B 186 -21.85 18.65 -26.51
CA GLU B 186 -21.34 19.56 -27.55
C GLU B 186 -20.08 20.34 -27.18
N SER B 187 -20.02 20.74 -25.92
CA SER B 187 -18.88 21.41 -25.35
C SER B 187 -18.29 20.54 -24.22
N PRO B 188 -17.00 20.50 -24.04
CA PRO B 188 -16.43 19.80 -22.90
C PRO B 188 -16.43 20.57 -21.58
N ALA B 189 -16.98 21.78 -21.55
CA ALA B 189 -16.83 22.62 -20.35
C ALA B 189 -17.39 21.95 -19.11
N SER B 190 -18.60 21.41 -19.19
CA SER B 190 -19.16 20.79 -17.97
CA SER B 190 -19.18 20.78 -17.98
C SER B 190 -18.44 19.53 -17.53
N PHE B 191 -17.99 18.72 -18.50
CA PHE B 191 -17.16 17.57 -18.17
C PHE B 191 -15.89 17.93 -17.51
N LEU B 192 -15.23 19.00 -17.99
CA LEU B 192 -14.03 19.48 -17.37
C LEU B 192 -14.29 20.02 -15.92
N ASN B 193 -15.32 20.82 -15.79
CA ASN B 193 -15.71 21.26 -14.42
C ASN B 193 -15.97 20.03 -13.51
N PHE B 194 -16.60 19.01 -14.04
CA PHE B 194 -16.78 17.77 -13.27
C PHE B 194 -15.44 17.13 -12.86
N LEU B 195 -14.53 16.90 -13.86
CA LEU B 195 -13.24 16.38 -13.57
C LEU B 195 -12.49 17.15 -12.52
N PHE B 196 -12.52 18.47 -12.65
CA PHE B 196 -11.82 19.25 -11.66
C PHE B 196 -12.47 19.10 -10.25
N LYS B 197 -13.78 18.95 -10.15
CA LYS B 197 -14.45 18.67 -8.82
C LYS B 197 -13.92 17.36 -8.23
N VAL B 198 -13.77 16.36 -9.12
CA VAL B 198 -13.24 15.09 -8.66
C VAL B 198 -11.84 15.25 -8.17
N ARG B 199 -10.99 15.97 -8.92
CA ARG B 199 -9.61 16.20 -8.49
C ARG B 199 -9.56 17.01 -7.16
N GLU B 200 -10.39 17.99 -7.04
CA GLU B 200 -10.32 18.81 -5.81
CA GLU B 200 -10.48 18.91 -5.84
C GLU B 200 -10.74 18.07 -4.59
N SER B 201 -11.60 17.07 -4.73
CA SER B 201 -11.96 16.25 -3.56
C SER B 201 -10.88 15.39 -2.97
N GLY B 202 -9.76 15.22 -3.65
CA GLY B 202 -8.75 14.23 -3.27
C GLY B 202 -8.96 12.86 -3.69
N SER B 203 -10.06 12.60 -4.44
CA SER B 203 -10.39 11.24 -4.88
C SER B 203 -9.36 10.65 -5.82
N LEU B 204 -8.62 11.49 -6.56
CA LEU B 204 -7.64 11.06 -7.52
C LEU B 204 -6.20 11.08 -6.94
N SER B 205 -6.07 11.36 -5.66
CA SER B 205 -4.74 11.55 -5.07
CA SER B 205 -4.76 11.56 -5.06
C SER B 205 -4.20 10.27 -4.52
N PRO B 206 -2.88 10.21 -4.34
CA PRO B 206 -2.28 8.94 -3.98
C PRO B 206 -2.47 8.53 -2.52
N GLU B 207 -3.03 9.40 -1.70
CA GLU B 207 -3.47 9.04 -0.35
C GLU B 207 -4.68 8.11 -0.28
N HIS B 208 -5.40 7.90 -1.41
CA HIS B 208 -6.56 7.03 -1.46
C HIS B 208 -6.39 5.97 -2.54
N GLY B 209 -7.20 4.94 -2.48
CA GLY B 209 -7.29 4.00 -3.50
C GLY B 209 -7.80 4.59 -4.80
N PRO B 210 -7.74 3.89 -5.88
CA PRO B 210 -8.14 4.44 -7.16
C PRO B 210 -9.61 4.81 -7.20
N VAL B 211 -9.88 5.90 -7.87
CA VAL B 211 -11.28 6.26 -8.14
C VAL B 211 -11.94 5.13 -8.95
N VAL B 212 -13.21 4.85 -8.71
CA VAL B 212 -13.96 3.84 -9.39
C VAL B 212 -14.81 4.60 -10.42
N VAL B 213 -14.71 4.26 -11.69
CA VAL B 213 -15.41 4.93 -12.74
C VAL B 213 -16.28 3.97 -13.50
N HIS B 214 -17.53 4.30 -13.78
CA HIS B 214 -18.33 3.51 -14.61
C HIS B 214 -19.32 4.29 -15.47
N CYS B 215 -19.82 3.60 -16.47
CA CYS B 215 -20.93 4.08 -17.26
CA CYS B 215 -20.92 4.07 -17.26
C CYS B 215 -21.84 2.84 -17.36
N SER B 216 -22.27 2.50 -18.48
CA SER B 216 -22.97 1.21 -18.41
CA SER B 216 -22.95 1.23 -18.70
C SER B 216 -21.96 0.03 -18.59
N ALA B 217 -21.07 0.08 -19.57
CA ALA B 217 -20.11 -1.02 -19.77
C ALA B 217 -18.73 -0.73 -19.16
N GLY B 218 -18.51 0.51 -18.75
CA GLY B 218 -17.21 0.93 -18.16
C GLY B 218 -16.11 0.99 -19.19
N ILE B 219 -16.44 1.39 -20.39
CA ILE B 219 -15.34 1.55 -21.41
C ILE B 219 -15.48 2.79 -22.26
N GLY B 220 -16.70 3.29 -22.55
CA GLY B 220 -16.81 4.43 -23.46
C GLY B 220 -16.73 5.79 -22.83
N ARG B 221 -17.83 6.22 -22.29
CA ARG B 221 -17.73 7.41 -21.53
C ARG B 221 -16.62 7.26 -20.55
N SER B 222 -16.50 6.08 -19.84
CA SER B 222 -15.56 5.97 -18.81
C SER B 222 -14.18 6.21 -19.30
N GLY B 223 -13.86 5.70 -20.48
CA GLY B 223 -12.61 5.95 -21.06
C GLY B 223 -12.30 7.40 -21.33
N THR B 224 -13.33 8.16 -21.64
CA THR B 224 -13.09 9.61 -21.89
C THR B 224 -12.58 10.27 -20.62
N PHE B 225 -13.15 9.90 -19.47
CA PHE B 225 -12.78 10.50 -18.22
C PHE B 225 -11.33 10.21 -17.86
N CYS B 226 -10.94 8.94 -17.92
CA CYS B 226 -9.59 8.54 -17.55
CA CYS B 226 -9.56 8.63 -17.49
C CYS B 226 -8.57 9.08 -18.58
N LEU B 227 -8.93 9.06 -19.87
CA LEU B 227 -8.05 9.51 -20.96
C LEU B 227 -7.76 11.04 -20.81
N ALA B 228 -8.81 11.81 -20.54
CA ALA B 228 -8.65 13.27 -20.36
C ALA B 228 -7.83 13.60 -19.17
N ASP B 229 -8.06 12.91 -18.06
CA ASP B 229 -7.33 13.19 -16.82
C ASP B 229 -5.84 12.85 -17.02
N THR B 230 -5.57 11.69 -17.58
CA THR B 230 -4.18 11.28 -17.77
C THR B 230 -3.46 12.20 -18.70
N CYS B 231 -4.06 12.52 -19.81
CA CYS B 231 -3.35 13.41 -20.76
C CYS B 231 -3.05 14.75 -20.10
N LEU B 232 -4.01 15.31 -19.37
CA LEU B 232 -3.73 16.58 -18.67
C LEU B 232 -2.59 16.44 -17.69
N LEU B 233 -2.52 15.34 -16.94
CA LEU B 233 -1.39 15.09 -16.11
C LEU B 233 -0.08 15.03 -16.87
N LEU B 234 -0.01 14.39 -17.99
CA LEU B 234 1.21 14.14 -18.80
C LEU B 234 1.66 15.49 -19.35
N MET B 235 0.72 16.35 -19.77
CA MET B 235 1.08 17.73 -20.16
C MET B 235 1.68 18.52 -19.02
N ASP B 236 1.18 18.39 -17.84
CA ASP B 236 1.68 19.16 -16.72
C ASP B 236 3.04 18.67 -16.20
N LYS B 237 3.32 17.36 -16.31
CA LYS B 237 4.57 16.77 -15.85
C LYS B 237 5.67 16.81 -16.92
N ARG B 238 5.35 16.66 -18.20
CA ARG B 238 6.37 16.45 -19.21
C ARG B 238 7.17 17.75 -19.52
N LYS B 239 8.42 17.54 -19.92
CA LYS B 239 9.37 18.57 -20.32
C LYS B 239 8.85 19.22 -21.63
N ASP B 240 8.52 18.35 -22.59
CA ASP B 240 7.90 18.72 -23.84
C ASP B 240 6.41 18.30 -23.86
N PRO B 241 5.51 19.23 -23.43
CA PRO B 241 4.07 18.89 -23.44
C PRO B 241 3.44 18.57 -24.82
N SER B 242 4.17 18.78 -25.91
CA SER B 242 3.65 18.62 -27.24
C SER B 242 4.04 17.26 -27.84
N SER B 243 4.82 16.50 -27.05
CA SER B 243 5.02 15.07 -27.33
C SER B 243 3.73 14.26 -27.03
N VAL B 244 2.79 14.81 -26.26
CA VAL B 244 1.58 14.01 -25.82
C VAL B 244 0.76 13.64 -27.00
N ASP B 245 0.66 12.34 -27.24
CA ASP B 245 -0.02 11.83 -28.34
C ASP B 245 -1.17 11.09 -27.71
N ILE B 246 -2.33 11.68 -27.78
CA ILE B 246 -3.55 11.07 -27.17
CA ILE B 246 -3.45 11.08 -27.07
C ILE B 246 -3.77 9.66 -27.59
N LYS B 247 -3.56 9.39 -28.89
CA LYS B 247 -3.71 8.03 -29.49
CA LYS B 247 -3.82 8.05 -29.41
C LYS B 247 -2.87 7.05 -28.73
N LYS B 248 -1.64 7.42 -28.52
CA LYS B 248 -0.69 6.56 -27.78
C LYS B 248 -1.07 6.33 -26.31
N VAL B 249 -1.60 7.34 -25.63
CA VAL B 249 -2.02 7.20 -24.26
C VAL B 249 -3.23 6.25 -24.23
N LEU B 250 -4.17 6.40 -25.13
CA LEU B 250 -5.31 5.54 -25.25
C LEU B 250 -4.91 4.10 -25.46
N LEU B 251 -3.95 3.89 -26.37
CA LEU B 251 -3.48 2.49 -26.52
C LEU B 251 -2.83 1.99 -25.26
N GLU B 252 -2.12 2.80 -24.51
CA GLU B 252 -1.60 2.32 -23.26
C GLU B 252 -2.72 1.94 -22.30
N MET B 253 -3.75 2.77 -22.23
CA MET B 253 -4.90 2.44 -21.36
C MET B 253 -5.61 1.15 -21.77
N ARG B 254 -5.71 0.89 -23.06
CA ARG B 254 -6.30 -0.29 -23.59
C ARG B 254 -5.50 -1.60 -23.30
N LYS B 255 -4.30 -1.47 -22.83
CA LYS B 255 -3.54 -2.66 -22.28
C LYS B 255 -4.23 -3.19 -21.05
N PHE B 256 -5.04 -2.34 -20.35
CA PHE B 256 -5.57 -2.74 -19.04
C PHE B 256 -7.07 -3.00 -19.11
N ARG B 257 -7.84 -2.46 -20.06
CA ARG B 257 -9.23 -2.80 -20.27
C ARG B 257 -9.62 -2.63 -21.67
N MET B 258 -10.30 -3.58 -22.26
CA MET B 258 -10.70 -3.57 -23.63
C MET B 258 -11.70 -2.46 -23.93
N GLY B 259 -11.63 -1.91 -25.16
CA GLY B 259 -12.75 -1.17 -25.64
C GLY B 259 -12.86 0.31 -25.23
N LEU B 260 -11.89 0.81 -24.52
CA LEU B 260 -11.96 2.18 -23.95
C LEU B 260 -12.05 3.14 -25.16
N ILE B 261 -13.09 3.98 -25.13
CA ILE B 261 -13.49 4.84 -26.22
C ILE B 261 -14.11 4.02 -27.32
N GLN B 262 -15.41 4.13 -27.44
CA GLN B 262 -16.20 3.29 -28.31
C GLN B 262 -16.64 3.88 -29.59
N THR B 263 -16.43 5.18 -29.79
CA THR B 263 -16.78 5.82 -31.06
C THR B 263 -15.81 6.90 -31.42
N ALA B 264 -15.84 7.26 -32.69
CA ALA B 264 -14.99 8.35 -33.18
C ALA B 264 -15.43 9.66 -32.54
N ASP B 265 -16.70 9.80 -32.23
CA ASP B 265 -17.22 11.02 -31.57
C ASP B 265 -16.63 11.12 -30.14
N GLN B 266 -16.54 10.05 -29.42
CA GLN B 266 -15.90 10.06 -28.10
C GLN B 266 -14.41 10.36 -28.17
N LEU B 267 -13.71 9.95 -29.27
CA LEU B 267 -12.30 10.19 -29.46
C LEU B 267 -12.11 11.71 -29.69
N ARG B 268 -12.96 12.26 -30.56
CA ARG B 268 -12.91 13.70 -30.77
C ARG B 268 -13.17 14.49 -29.52
N PHE B 269 -14.18 14.10 -28.77
CA PHE B 269 -14.56 14.78 -27.54
C PHE B 269 -13.38 14.73 -26.58
N SER B 270 -12.70 13.57 -26.47
CA SER B 270 -11.54 13.46 -25.58
C SER B 270 -10.42 14.47 -25.91
N TYR B 271 -10.16 14.51 -27.18
CA TYR B 271 -9.15 15.51 -27.63
C TYR B 271 -9.57 16.90 -27.27
N LEU B 272 -10.84 17.25 -27.53
CA LEU B 272 -11.37 18.57 -27.25
C LEU B 272 -11.30 18.90 -25.76
N ALA B 273 -11.62 17.95 -24.90
CA ALA B 273 -11.54 18.17 -23.49
C ALA B 273 -10.08 18.40 -23.04
N VAL B 274 -9.14 17.66 -23.58
CA VAL B 274 -7.75 17.83 -23.20
C VAL B 274 -7.27 19.21 -23.66
N ILE B 275 -7.62 19.60 -24.88
CA ILE B 275 -7.20 20.93 -25.35
C ILE B 275 -7.79 22.05 -24.56
N GLU B 276 -9.06 22.01 -24.29
CA GLU B 276 -9.68 23.09 -23.54
C GLU B 276 -9.19 23.07 -22.11
N GLY B 277 -9.05 21.89 -21.52
CA GLY B 277 -8.50 21.79 -20.18
C GLY B 277 -7.14 22.41 -20.07
N ALA B 278 -6.25 22.04 -20.96
CA ALA B 278 -4.87 22.50 -20.93
C ALA B 278 -4.82 23.99 -21.15
N LYS B 279 -5.71 24.56 -21.95
CA LYS B 279 -5.73 26.03 -22.08
C LYS B 279 -5.99 26.74 -20.77
N PHE B 280 -6.84 26.19 -19.94
CA PHE B 280 -7.19 26.78 -18.66
C PHE B 280 -6.13 26.50 -17.62
N ILE B 281 -5.61 25.27 -17.55
CA ILE B 281 -4.73 24.81 -16.45
CA ILE B 281 -4.80 24.90 -16.40
C ILE B 281 -3.35 25.25 -16.64
N MET B 282 -2.92 25.33 -17.91
CA MET B 282 -1.55 25.61 -18.25
C MET B 282 -1.46 27.03 -18.83
N GLY B 283 -2.29 27.36 -19.77
CA GLY B 283 -2.26 28.61 -20.42
C GLY B 283 -2.66 28.45 -21.88
N ASP B 284 -3.28 29.50 -22.41
CA ASP B 284 -3.73 29.52 -23.78
C ASP B 284 -2.59 30.11 -24.61
N SER B 285 -1.93 29.24 -25.37
CA SER B 285 -0.75 29.65 -26.11
C SER B 285 -1.11 30.60 -27.25
N SER B 286 -2.39 30.69 -27.62
CA SER B 286 -2.85 31.62 -28.66
C SER B 286 -2.81 33.09 -28.15
N VAL B 287 -2.90 33.28 -26.81
CA VAL B 287 -2.69 34.58 -26.17
C VAL B 287 -1.27 34.66 -25.56
C15 YXN C . 23.75 3.97 10.20
C12 YXN C . 21.59 4.91 10.76
C14 YXN C . 22.81 4.35 11.13
C11 YXN C . 21.36 5.07 9.41
C10 YXN C . 22.33 4.69 8.47
C9 YXN C . 23.54 4.13 8.84
C4 YXN C . 25.75 3.49 6.05
C5 YXN C . 25.66 2.23 6.72
C6 YXN C . 26.22 0.89 6.39
C3 YXN C . 25.02 4.42 6.78
C2 YXN C . 24.75 5.86 6.61
C1 YXN C . 25.99 6.62 6.20
N7 YXN C . 24.89 2.40 7.81
N8 YXN C . 24.53 3.71 7.86
N13 YXN C . 20.57 5.30 11.68
MG MG D . -36.26 13.62 0.63
C1 MPD E . -22.17 18.52 0.07
C2 MPD E . -21.08 17.65 -0.51
O2 MPD E . -21.80 16.57 -1.16
CM MPD E . -20.29 18.47 -1.52
C3 MPD E . -20.10 17.03 0.49
C4 MPD E . -19.38 18.00 1.44
O4 MPD E . -18.29 17.33 2.09
C5 MPD E . -18.66 19.17 0.84
C15 YXN F . -3.19 5.24 -7.34
C12 YXN F . -4.70 7.03 -6.73
C14 YXN F . -4.42 5.66 -6.83
C11 YXN F . -3.73 7.92 -7.17
C10 YXN F . -2.50 7.48 -7.68
C9 YXN F . -2.23 6.14 -7.75
C4 YXN F . 1.07 5.43 -8.92
C5 YXN F . 0.23 4.78 -9.84
C6 YXN F . 0.68 3.93 -11.01
C3 YXN F . 0.30 6.04 -7.97
C2 YXN F . 0.61 6.87 -6.79
C1 YXN F . 2.05 6.68 -6.37
N7 YXN F . -1.06 4.96 -9.43
N8 YXN F . -0.99 5.72 -8.35
N13 YXN F . -6.00 7.47 -6.23
#